data_1D0K
#
_entry.id   1D0K
#
_cell.length_a   58.379
_cell.length_b   67.825
_cell.length_c   98.940
_cell.angle_alpha   90.00
_cell.angle_beta   90.00
_cell.angle_gamma   90.00
#
_symmetry.space_group_name_H-M   'P 21 21 21'
#
loop_
_entity.id
_entity.type
_entity.pdbx_description
1 polymer '35KD SOLUBLE LYTIC TRANSGLYCOSYLASE'
2 branched '2-acetamido-2-deoxy-beta-D-glucopyranose-(1-4)-N-acetyl-beta-muramic acid'
3 non-polymer 'CALCIUM ION'
4 non-polymer ALANINE
5 non-polymer 'D-GLUTAMIC ACID'
6 non-polymer GLYCEROL
7 water water
#
_entity_poly.entity_id   1
_entity_poly.type   'polypeptide(L)'
_entity_poly.pdbx_seq_one_letter_code
;MVEPQHNVMQMGGDFANNPNAQQFIDKMVNKHGFDRQQLQEILSQAKRLDSVLRLMDNQAPTTSVKPPSGPNGAWLRYRK
KFITPDNVQNGVVFWNQYEDALNRAWQVYGVPPEIIVGIIGVETRWGRVMGKTRILDALATLSFNYPRRAEYFSGELETF
LLMARDEQDDPLNLKGSFAGAMGYGQFMPSSYKQYAVDFSGDGHINLWDPVDAIGSVANYFKAHGWVKGDQVAVMANGQA
PGLPNGFKTKYSISQLAAAGLTPQQPLGNHQQASLLRLDVGTGYQYWYGLPNFYTITRYNHSTHYAMAVWQLGQAVALAR
VQ
;
_entity_poly.pdbx_strand_id   A
#
# COMPACT_ATOMS: atom_id res chain seq x y z
N MET A 1 -35.38 -28.90 5.24
CA MET A 1 -35.11 -27.42 5.23
C MET A 1 -33.66 -27.11 5.57
N VAL A 2 -33.32 -27.13 6.87
CA VAL A 2 -31.95 -26.85 7.28
C VAL A 2 -31.07 -28.10 7.10
N GLU A 3 -29.95 -27.90 6.40
CA GLU A 3 -28.99 -28.98 6.13
C GLU A 3 -27.65 -28.72 6.81
N PRO A 4 -27.47 -29.24 8.04
CA PRO A 4 -26.23 -29.05 8.81
C PRO A 4 -25.00 -29.70 8.17
N GLN A 5 -25.20 -30.81 7.46
CA GLN A 5 -24.11 -31.52 6.81
C GLN A 5 -22.91 -31.82 7.72
N HIS A 6 -23.20 -32.23 8.97
CA HIS A 6 -22.14 -32.56 9.93
C HIS A 6 -21.18 -33.61 9.36
N ASN A 7 -21.71 -34.53 8.54
CA ASN A 7 -20.92 -35.61 7.94
C ASN A 7 -20.06 -35.22 6.72
N VAL A 8 -20.17 -33.97 6.30
CA VAL A 8 -19.37 -33.48 5.17
C VAL A 8 -18.13 -32.82 5.78
N MET A 9 -17.11 -33.63 6.04
CA MET A 9 -15.88 -33.16 6.66
C MET A 9 -14.72 -33.00 5.68
N GLN A 10 -14.94 -33.35 4.41
CA GLN A 10 -13.90 -33.25 3.41
C GLN A 10 -14.30 -32.41 2.21
N MET A 11 -13.56 -31.34 1.97
CA MET A 11 -13.83 -30.43 0.86
C MET A 11 -13.02 -30.78 -0.38
N GLY A 12 -13.52 -30.39 -1.54
CA GLY A 12 -12.82 -30.64 -2.78
C GLY A 12 -11.98 -29.43 -3.18
N GLY A 13 -11.54 -29.38 -4.43
CA GLY A 13 -10.75 -28.25 -4.88
C GLY A 13 -9.24 -28.36 -4.69
N ASP A 14 -8.55 -27.29 -5.08
CA ASP A 14 -7.09 -27.20 -5.00
C ASP A 14 -6.48 -27.37 -3.62
N PHE A 15 -7.26 -27.06 -2.58
CA PHE A 15 -6.78 -27.17 -1.21
C PHE A 15 -7.43 -28.35 -0.45
N ALA A 16 -7.97 -29.30 -1.20
CA ALA A 16 -8.64 -30.46 -0.63
C ALA A 16 -7.85 -31.27 0.39
N ASN A 17 -6.61 -31.63 0.07
CA ASN A 17 -5.83 -32.43 1.00
C ASN A 17 -4.70 -31.62 1.64
N ASN A 18 -4.99 -30.35 1.89
CA ASN A 18 -4.01 -29.43 2.47
C ASN A 18 -4.23 -29.27 3.98
N PRO A 19 -3.24 -29.70 4.79
CA PRO A 19 -3.27 -29.63 6.26
C PRO A 19 -3.41 -28.21 6.79
N ASN A 20 -2.79 -27.27 6.09
CA ASN A 20 -2.84 -25.85 6.48
C ASN A 20 -4.24 -25.29 6.38
N ALA A 21 -4.96 -25.69 5.32
CA ALA A 21 -6.33 -25.25 5.11
C ALA A 21 -7.24 -25.79 6.21
N GLN A 22 -6.99 -27.06 6.59
CA GLN A 22 -7.77 -27.72 7.63
C GLN A 22 -7.58 -27.04 8.98
N GLN A 23 -6.33 -26.71 9.29
CA GLN A 23 -6.00 -26.03 10.54
C GLN A 23 -6.63 -24.64 10.54
N PHE A 24 -6.59 -23.98 9.39
CA PHE A 24 -7.16 -22.65 9.25
C PHE A 24 -8.67 -22.66 9.51
N ILE A 25 -9.36 -23.65 8.96
CA ILE A 25 -10.81 -23.77 9.15
C ILE A 25 -11.10 -23.96 10.63
N ASP A 26 -10.32 -24.82 11.29
CA ASP A 26 -10.50 -25.08 12.72
C ASP A 26 -10.35 -23.82 13.56
N LYS A 27 -9.41 -22.97 13.16
CA LYS A 27 -9.18 -21.71 13.85
C LYS A 27 -10.36 -20.76 13.68
N MET A 28 -10.89 -20.66 12.46
CA MET A 28 -12.01 -19.76 12.19
C MET A 28 -13.28 -20.19 12.92
N VAL A 29 -13.47 -21.51 13.05
CA VAL A 29 -14.64 -22.05 13.73
C VAL A 29 -14.53 -21.82 15.23
N ASN A 30 -13.39 -22.22 15.79
CA ASN A 30 -13.12 -22.08 17.22
C ASN A 30 -13.04 -20.61 17.68
N LYS A 31 -12.22 -19.83 16.99
CA LYS A 31 -12.01 -18.43 17.35
C LYS A 31 -13.11 -17.44 16.95
N HIS A 32 -13.68 -17.61 15.76
CA HIS A 32 -14.69 -16.67 15.29
C HIS A 32 -16.12 -17.17 15.09
N GLY A 33 -16.37 -18.43 15.42
CA GLY A 33 -17.71 -18.98 15.26
C GLY A 33 -18.17 -19.26 13.85
N PHE A 34 -17.23 -19.44 12.92
CA PHE A 34 -17.57 -19.77 11.55
C PHE A 34 -18.15 -21.19 11.50
N ASP A 35 -18.99 -21.46 10.50
CA ASP A 35 -19.60 -22.78 10.31
C ASP A 35 -18.59 -23.53 9.43
N ARG A 36 -18.09 -24.67 9.91
CA ARG A 36 -17.10 -25.44 9.15
C ARG A 36 -17.54 -25.76 7.72
N GLN A 37 -18.77 -26.23 7.56
CA GLN A 37 -19.29 -26.58 6.23
C GLN A 37 -19.41 -25.38 5.31
N GLN A 38 -19.83 -24.23 5.85
CA GLN A 38 -19.95 -23.02 5.04
C GLN A 38 -18.56 -22.59 4.56
N LEU A 39 -17.58 -22.67 5.46
CA LEU A 39 -16.20 -22.30 5.14
C LEU A 39 -15.58 -23.28 4.14
N GLN A 40 -15.94 -24.56 4.25
CA GLN A 40 -15.44 -25.59 3.33
C GLN A 40 -15.97 -25.33 1.92
N GLU A 41 -17.21 -24.86 1.82
CA GLU A 41 -17.81 -24.54 0.53
C GLU A 41 -17.05 -23.41 -0.14
N ILE A 42 -16.70 -22.40 0.66
CA ILE A 42 -15.95 -21.25 0.17
C ILE A 42 -14.54 -21.66 -0.29
N LEU A 43 -13.81 -22.34 0.58
CA LEU A 43 -12.45 -22.77 0.25
C LEU A 43 -12.34 -23.83 -0.83
N SER A 44 -13.40 -24.61 -1.05
CA SER A 44 -13.38 -25.63 -2.12
C SER A 44 -13.34 -24.94 -3.48
N GLN A 45 -13.75 -23.66 -3.50
CA GLN A 45 -13.75 -22.84 -4.70
C GLN A 45 -12.48 -22.00 -4.84
N ALA A 46 -11.70 -21.92 -3.76
CA ALA A 46 -10.45 -21.15 -3.77
C ALA A 46 -9.44 -21.88 -4.67
N LYS A 47 -8.70 -21.10 -5.46
CA LYS A 47 -7.73 -21.64 -6.40
C LYS A 47 -6.29 -21.44 -5.96
N ARG A 48 -5.46 -22.45 -6.20
CA ARG A 48 -4.04 -22.36 -5.89
C ARG A 48 -3.40 -21.74 -7.14
N LEU A 49 -2.95 -20.50 -7.01
CA LEU A 49 -2.36 -19.79 -8.14
C LEU A 49 -0.85 -19.79 -8.09
N ASP A 50 -0.23 -20.63 -8.92
CA ASP A 50 1.23 -20.72 -8.96
C ASP A 50 1.87 -19.39 -9.36
N SER A 51 1.17 -18.58 -10.13
CA SER A 51 1.68 -17.28 -10.55
C SER A 51 1.88 -16.39 -9.34
N VAL A 52 1.00 -16.52 -8.35
CA VAL A 52 1.09 -15.74 -7.12
C VAL A 52 2.34 -16.16 -6.35
N LEU A 53 2.60 -17.46 -6.27
CA LEU A 53 3.76 -17.98 -5.56
C LEU A 53 5.05 -17.55 -6.26
N ARG A 54 5.04 -17.58 -7.60
CA ARG A 54 6.20 -17.19 -8.39
C ARG A 54 6.51 -15.71 -8.24
N LEU A 55 5.49 -14.86 -8.21
CA LEU A 55 5.73 -13.42 -8.05
C LEU A 55 6.26 -13.12 -6.65
N MET A 56 5.69 -13.79 -5.64
CA MET A 56 6.12 -13.59 -4.26
C MET A 56 7.58 -14.03 -4.09
N ASP A 57 8.03 -15.00 -4.89
CA ASP A 57 9.41 -15.48 -4.86
C ASP A 57 10.32 -14.50 -5.61
N ASN A 58 9.82 -13.95 -6.72
CA ASN A 58 10.57 -13.01 -7.53
C ASN A 58 10.84 -11.69 -6.81
N GLN A 59 10.12 -11.46 -5.71
CA GLN A 59 10.26 -10.24 -4.93
C GLN A 59 10.81 -10.55 -3.53
N ALA A 60 11.26 -11.79 -3.34
CA ALA A 60 11.81 -12.21 -2.05
C ALA A 60 13.08 -11.41 -1.75
N PRO A 61 13.26 -10.95 -0.50
CA PRO A 61 14.43 -10.19 -0.10
C PRO A 61 15.76 -10.92 -0.32
N GLY A 70 26.24 1.69 -12.33
CA GLY A 70 25.59 3.02 -12.45
C GLY A 70 26.59 4.17 -12.29
N PRO A 71 26.16 5.43 -12.49
CA PRO A 71 24.81 5.84 -12.87
C PRO A 71 24.32 5.39 -14.25
N ASN A 72 23.19 4.70 -14.27
CA ASN A 72 22.58 4.21 -15.50
C ASN A 72 21.16 4.76 -15.70
N GLY A 73 20.75 5.68 -14.83
CA GLY A 73 19.43 6.28 -14.91
C GLY A 73 18.29 5.51 -14.28
N ALA A 74 18.57 4.78 -13.20
CA ALA A 74 17.55 3.98 -12.51
C ALA A 74 16.31 4.78 -12.10
N TRP A 75 16.51 5.92 -11.45
CA TRP A 75 15.38 6.76 -11.02
C TRP A 75 14.56 7.27 -12.21
N LEU A 76 15.26 7.72 -13.26
CA LEU A 76 14.58 8.25 -14.45
C LEU A 76 13.60 7.24 -15.05
N ARG A 77 14.02 5.97 -15.12
CA ARG A 77 13.18 4.91 -15.68
C ARG A 77 11.96 4.61 -14.81
N TYR A 78 12.14 4.63 -13.49
CA TYR A 78 11.04 4.38 -12.55
C TYR A 78 10.04 5.53 -12.60
N ARG A 79 10.58 6.75 -12.54
CA ARG A 79 9.79 7.97 -12.55
C ARG A 79 8.87 8.11 -13.75
N LYS A 80 9.40 7.82 -14.95
CA LYS A 80 8.62 7.94 -16.17
C LYS A 80 7.49 6.94 -16.33
N LYS A 81 7.40 5.97 -15.42
CA LYS A 81 6.30 5.01 -15.45
C LYS A 81 5.09 5.64 -14.81
N PHE A 82 5.33 6.62 -13.94
CA PHE A 82 4.25 7.29 -13.22
C PHE A 82 3.99 8.74 -13.59
N ILE A 83 5.05 9.49 -13.87
CA ILE A 83 4.93 10.89 -14.21
C ILE A 83 4.96 11.12 -15.72
N THR A 84 3.78 11.04 -16.33
CA THR A 84 3.57 11.20 -17.75
C THR A 84 2.40 12.16 -17.93
N PRO A 85 2.24 12.75 -19.14
CA PRO A 85 1.12 13.67 -19.35
C PRO A 85 -0.23 13.02 -19.06
N ASP A 86 -0.45 11.82 -19.56
CA ASP A 86 -1.71 11.12 -19.34
C ASP A 86 -2.01 10.92 -17.85
N ASN A 87 -1.00 10.48 -17.10
CA ASN A 87 -1.15 10.25 -15.66
C ASN A 87 -1.40 11.53 -14.88
N VAL A 88 -0.64 12.58 -15.18
CA VAL A 88 -0.81 13.86 -14.48
C VAL A 88 -2.19 14.46 -14.75
N GLN A 89 -2.62 14.38 -16.01
CA GLN A 89 -3.93 14.90 -16.43
C GLN A 89 -5.06 14.14 -15.76
N ASN A 90 -4.91 12.82 -15.65
CA ASN A 90 -5.92 12.00 -14.98
C ASN A 90 -5.91 12.30 -13.48
N GLY A 91 -4.74 12.65 -12.94
CA GLY A 91 -4.63 12.99 -11.53
C GLY A 91 -5.38 14.27 -11.23
N VAL A 92 -5.30 15.22 -12.15
CA VAL A 92 -6.00 16.51 -12.01
C VAL A 92 -7.51 16.26 -11.99
N VAL A 93 -7.98 15.39 -12.90
CA VAL A 93 -9.39 15.06 -12.98
C VAL A 93 -9.87 14.43 -11.66
N PHE A 94 -9.08 13.50 -11.11
CA PHE A 94 -9.44 12.85 -9.85
C PHE A 94 -9.49 13.87 -8.71
N TRP A 95 -8.47 14.73 -8.64
CA TRP A 95 -8.39 15.75 -7.60
C TRP A 95 -9.61 16.67 -7.62
N ASN A 96 -9.94 17.20 -8.80
CA ASN A 96 -11.08 18.10 -8.94
C ASN A 96 -12.40 17.41 -8.63
N GLN A 97 -12.52 16.16 -9.06
CA GLN A 97 -13.72 15.38 -8.84
C GLN A 97 -13.97 15.10 -7.35
N TYR A 98 -12.88 14.84 -6.61
CA TYR A 98 -13.00 14.56 -5.18
C TYR A 98 -12.36 15.61 -4.28
N GLU A 99 -12.36 16.87 -4.74
CA GLU A 99 -11.75 17.95 -3.98
C GLU A 99 -12.30 18.12 -2.57
N ASP A 100 -13.62 17.96 -2.40
CA ASP A 100 -14.22 18.10 -1.08
C ASP A 100 -13.69 17.05 -0.09
N ALA A 101 -13.63 15.80 -0.53
CA ALA A 101 -13.13 14.71 0.30
C ALA A 101 -11.66 14.93 0.63
N LEU A 102 -10.90 15.38 -0.37
CA LEU A 102 -9.48 15.66 -0.19
C LEU A 102 -9.25 16.80 0.80
N ASN A 103 -10.06 17.86 0.69
CA ASN A 103 -9.93 19.01 1.59
C ASN A 103 -10.32 18.61 3.01
N ARG A 104 -11.35 17.79 3.12
CA ARG A 104 -11.84 17.31 4.41
C ARG A 104 -10.81 16.40 5.06
N ALA A 105 -10.10 15.63 4.24
CA ALA A 105 -9.05 14.73 4.73
C ALA A 105 -7.87 15.55 5.25
N TRP A 106 -7.61 16.68 4.61
CA TRP A 106 -6.53 17.59 5.00
C TRP A 106 -6.85 18.17 6.38
N GLN A 107 -8.09 18.61 6.55
CA GLN A 107 -8.54 19.21 7.81
C GLN A 107 -8.58 18.22 8.98
N VAL A 108 -9.05 17.00 8.73
CA VAL A 108 -9.15 16.00 9.78
C VAL A 108 -7.81 15.33 10.14
N TYR A 109 -7.04 14.94 9.13
CA TYR A 109 -5.79 14.23 9.35
C TYR A 109 -4.48 14.99 9.12
N GLY A 110 -4.54 16.16 8.52
CA GLY A 110 -3.33 16.94 8.26
C GLY A 110 -2.50 16.43 7.10
N VAL A 111 -3.05 15.50 6.32
CA VAL A 111 -2.35 14.94 5.15
C VAL A 111 -2.86 15.71 3.92
N PRO A 112 -1.95 16.38 3.19
CA PRO A 112 -2.30 17.16 2.01
C PRO A 112 -2.78 16.36 0.79
N PRO A 113 -3.64 16.98 -0.03
CA PRO A 113 -4.21 16.36 -1.23
C PRO A 113 -3.19 15.78 -2.20
N GLU A 114 -2.06 16.47 -2.38
CA GLU A 114 -1.04 15.96 -3.29
C GLU A 114 -0.47 14.61 -2.87
N ILE A 115 -0.40 14.37 -1.55
CA ILE A 115 0.10 13.10 -1.05
C ILE A 115 -0.91 11.98 -1.30
N ILE A 116 -2.18 12.22 -0.94
CA ILE A 116 -3.24 11.23 -1.15
C ILE A 116 -3.45 10.96 -2.64
N VAL A 117 -3.42 12.02 -3.45
CA VAL A 117 -3.59 11.89 -4.90
C VAL A 117 -2.41 11.11 -5.48
N GLY A 118 -1.20 11.35 -4.96
CA GLY A 118 -0.02 10.65 -5.44
C GLY A 118 -0.07 9.16 -5.11
N ILE A 119 -0.53 8.83 -3.91
CA ILE A 119 -0.64 7.44 -3.46
C ILE A 119 -1.63 6.66 -4.31
N ILE A 120 -2.85 7.19 -4.44
CA ILE A 120 -3.89 6.53 -5.22
C ILE A 120 -3.50 6.46 -6.71
N GLY A 121 -2.68 7.42 -7.14
CA GLY A 121 -2.22 7.43 -8.51
C GLY A 121 -1.22 6.33 -8.79
N VAL A 122 -0.20 6.22 -7.94
CA VAL A 122 0.83 5.19 -8.09
C VAL A 122 0.23 3.79 -7.84
N GLU A 123 -0.68 3.70 -6.88
CA GLU A 123 -1.29 2.40 -6.54
C GLU A 123 -2.24 1.80 -7.57
N THR A 124 -3.18 2.60 -8.08
CA THR A 124 -4.16 2.08 -9.02
C THR A 124 -4.51 3.02 -10.18
N ARG A 125 -3.70 4.06 -10.38
CA ARG A 125 -4.00 5.04 -11.44
C ARG A 125 -5.43 5.55 -11.25
N TRP A 126 -5.74 5.84 -9.99
CA TRP A 126 -7.04 6.36 -9.58
C TRP A 126 -8.23 5.46 -9.95
N GLY A 127 -8.11 4.19 -9.58
CA GLY A 127 -9.18 3.23 -9.82
C GLY A 127 -9.19 2.51 -11.16
N ARG A 128 -8.23 2.81 -12.04
CA ARG A 128 -8.15 2.18 -13.35
C ARG A 128 -7.49 0.81 -13.33
N VAL A 129 -6.58 0.60 -12.38
CA VAL A 129 -5.87 -0.66 -12.25
C VAL A 129 -5.90 -1.11 -10.79
N MET A 130 -6.99 -1.77 -10.41
CA MET A 130 -7.13 -2.22 -9.02
C MET A 130 -6.85 -3.69 -8.77
N GLY A 131 -6.45 -4.43 -9.81
CA GLY A 131 -6.16 -5.84 -9.64
C GLY A 131 -7.26 -6.71 -10.21
N LYS A 132 -6.89 -7.90 -10.70
CA LYS A 132 -7.85 -8.80 -11.32
C LYS A 132 -7.91 -10.17 -10.65
N THR A 133 -7.11 -10.35 -9.61
CA THR A 133 -7.04 -11.63 -8.91
C THR A 133 -8.04 -11.69 -7.76
N ARG A 134 -8.78 -12.79 -7.64
CA ARG A 134 -9.72 -12.89 -6.52
C ARG A 134 -8.88 -12.91 -5.23
N ILE A 135 -9.22 -12.03 -4.29
CA ILE A 135 -8.50 -11.93 -3.03
C ILE A 135 -8.42 -13.27 -2.30
N LEU A 136 -9.52 -14.02 -2.30
CA LEU A 136 -9.54 -15.32 -1.64
C LEU A 136 -8.52 -16.28 -2.23
N ASP A 137 -8.40 -16.31 -3.56
CA ASP A 137 -7.45 -17.19 -4.24
C ASP A 137 -6.02 -16.84 -3.81
N ALA A 138 -5.69 -15.56 -3.92
CA ALA A 138 -4.36 -15.06 -3.56
C ALA A 138 -4.00 -15.38 -2.11
N LEU A 139 -4.89 -15.01 -1.18
CA LEU A 139 -4.63 -15.24 0.24
C LEU A 139 -4.62 -16.70 0.65
N ALA A 140 -5.49 -17.52 0.05
CA ALA A 140 -5.52 -18.94 0.38
C ALA A 140 -4.23 -19.59 -0.15
N THR A 141 -3.81 -19.20 -1.35
CA THR A 141 -2.59 -19.72 -1.96
C THR A 141 -1.37 -19.43 -1.10
N LEU A 142 -1.27 -18.17 -0.64
CA LEU A 142 -0.14 -17.73 0.19
C LEU A 142 -0.17 -18.26 1.62
N SER A 143 -1.37 -18.58 2.13
CA SER A 143 -1.53 -19.09 3.48
C SER A 143 -1.34 -20.61 3.53
N PHE A 144 -1.77 -21.30 2.48
CA PHE A 144 -1.71 -22.75 2.46
C PHE A 144 -0.59 -23.41 1.67
N ASN A 145 0.02 -22.68 0.73
CA ASN A 145 1.09 -23.24 -0.09
C ASN A 145 2.33 -22.36 -0.21
N TYR A 146 2.64 -21.63 0.87
CA TYR A 146 3.80 -20.76 0.88
C TYR A 146 4.35 -20.61 2.29
N PRO A 147 5.11 -21.61 2.76
CA PRO A 147 5.72 -21.68 4.09
C PRO A 147 6.44 -20.41 4.57
N ARG A 148 7.20 -19.77 3.69
CA ARG A 148 7.97 -18.58 4.06
C ARG A 148 7.15 -17.46 4.71
N ARG A 149 5.97 -17.18 4.18
CA ARG A 149 5.11 -16.13 4.73
C ARG A 149 3.69 -16.62 5.02
N ALA A 150 3.58 -17.91 5.31
CA ALA A 150 2.30 -18.54 5.62
C ALA A 150 1.59 -17.91 6.81
N GLU A 151 2.33 -17.58 7.85
CA GLU A 151 1.74 -16.98 9.05
C GLU A 151 1.19 -15.58 8.81
N TYR A 152 1.94 -14.77 8.08
CA TYR A 152 1.51 -13.41 7.77
C TYR A 152 0.24 -13.43 6.92
N PHE A 153 0.23 -14.24 5.87
CA PHE A 153 -0.94 -14.31 5.01
C PHE A 153 -2.15 -15.02 5.61
N SER A 154 -1.92 -15.94 6.54
CA SER A 154 -3.05 -16.62 7.18
C SER A 154 -3.77 -15.58 8.04
N GLY A 155 -2.99 -14.67 8.63
CA GLY A 155 -3.55 -13.60 9.44
C GLY A 155 -4.35 -12.67 8.54
N GLU A 156 -3.85 -12.43 7.33
CA GLU A 156 -4.54 -11.57 6.37
C GLU A 156 -5.82 -12.24 5.87
N LEU A 157 -5.79 -13.55 5.67
CA LEU A 157 -6.96 -14.30 5.21
C LEU A 157 -8.03 -14.28 6.28
N GLU A 158 -7.61 -14.48 7.53
CA GLU A 158 -8.52 -14.45 8.68
C GLU A 158 -9.25 -13.10 8.70
N THR A 159 -8.49 -12.03 8.61
CA THR A 159 -9.04 -10.68 8.62
C THR A 159 -9.91 -10.43 7.40
N PHE A 160 -9.50 -10.95 6.25
CA PHE A 160 -10.28 -10.79 5.01
C PHE A 160 -11.67 -11.38 5.16
N LEU A 161 -11.73 -12.63 5.64
CA LEU A 161 -13.01 -13.30 5.84
C LEU A 161 -13.89 -12.58 6.87
N LEU A 162 -13.28 -12.03 7.91
CA LEU A 162 -14.01 -11.29 8.94
C LEU A 162 -14.53 -9.99 8.34
N MET A 163 -13.72 -9.36 7.48
CA MET A 163 -14.08 -8.12 6.81
C MET A 163 -15.29 -8.36 5.89
N ALA A 164 -15.24 -9.44 5.12
CA ALA A 164 -16.31 -9.80 4.21
C ALA A 164 -17.60 -10.03 5.00
N ARG A 165 -17.50 -10.82 6.06
CA ARG A 165 -18.64 -11.13 6.93
C ARG A 165 -19.28 -9.85 7.50
N ASP A 166 -18.47 -8.97 8.09
CA ASP A 166 -18.95 -7.72 8.67
C ASP A 166 -19.56 -6.77 7.66
N GLU A 167 -18.85 -6.52 6.57
CA GLU A 167 -19.31 -5.63 5.51
C GLU A 167 -20.30 -6.35 4.59
N GLN A 168 -20.74 -7.54 5.01
CA GLN A 168 -21.69 -8.38 4.29
C GLN A 168 -21.39 -8.65 2.81
N ASP A 169 -20.10 -8.71 2.47
CA ASP A 169 -19.67 -8.98 1.10
C ASP A 169 -19.46 -10.48 0.89
N ASP A 170 -19.54 -10.92 -0.36
CA ASP A 170 -19.30 -12.32 -0.70
C ASP A 170 -17.78 -12.36 -0.90
N PRO A 171 -17.06 -13.12 -0.05
CA PRO A 171 -15.60 -13.23 -0.14
C PRO A 171 -15.06 -13.54 -1.54
N LEU A 172 -15.83 -14.28 -2.33
CA LEU A 172 -15.43 -14.66 -3.67
C LEU A 172 -15.57 -13.58 -4.75
N ASN A 173 -16.33 -12.53 -4.46
CA ASN A 173 -16.53 -11.46 -5.44
C ASN A 173 -15.49 -10.34 -5.43
N LEU A 174 -14.66 -10.29 -4.39
CA LEU A 174 -13.65 -9.24 -4.27
C LEU A 174 -12.35 -9.58 -4.99
N LYS A 175 -11.88 -8.64 -5.80
CA LYS A 175 -10.63 -8.81 -6.55
C LYS A 175 -9.59 -7.75 -6.21
N GLY A 176 -8.33 -8.07 -6.47
CA GLY A 176 -7.26 -7.15 -6.18
C GLY A 176 -5.93 -7.68 -6.66
N SER A 177 -4.87 -7.30 -5.96
CA SER A 177 -3.52 -7.70 -6.34
C SER A 177 -3.17 -9.13 -5.98
N PHE A 178 -2.02 -9.57 -6.48
CA PHE A 178 -1.49 -10.92 -6.23
C PHE A 178 -1.19 -11.16 -4.77
N ALA A 179 -1.10 -10.08 -3.98
CA ALA A 179 -0.83 -10.17 -2.55
C ALA A 179 -2.09 -10.00 -1.71
N GLY A 180 -3.23 -9.76 -2.36
CA GLY A 180 -4.48 -9.57 -1.64
C GLY A 180 -4.83 -8.13 -1.29
N ALA A 181 -4.15 -7.17 -1.93
CA ALA A 181 -4.39 -5.74 -1.70
C ALA A 181 -5.67 -5.31 -2.42
N MET A 182 -6.42 -4.42 -1.80
CA MET A 182 -7.73 -4.02 -2.33
C MET A 182 -8.06 -2.53 -2.53
N GLY A 183 -8.90 -2.29 -3.54
CA GLY A 183 -9.39 -0.96 -3.85
C GLY A 183 -8.45 0.11 -4.34
N TYR A 184 -8.94 1.35 -4.31
CA TYR A 184 -8.20 2.52 -4.76
C TYR A 184 -6.82 2.67 -4.15
N GLY A 185 -6.71 2.42 -2.85
CA GLY A 185 -5.43 2.55 -2.17
C GLY A 185 -4.68 1.25 -1.98
N GLN A 186 -5.22 0.16 -2.51
CA GLN A 186 -4.59 -1.16 -2.40
C GLN A 186 -4.26 -1.49 -0.94
N PHE A 187 -5.29 -1.44 -0.10
CA PHE A 187 -5.17 -1.75 1.32
C PHE A 187 -5.17 -3.26 1.52
N MET A 188 -4.27 -3.75 2.36
CA MET A 188 -4.24 -5.17 2.71
C MET A 188 -5.36 -5.33 3.76
N PRO A 189 -5.85 -6.56 3.95
CA PRO A 189 -6.92 -6.78 4.95
C PRO A 189 -6.57 -6.21 6.33
N SER A 190 -5.32 -6.36 6.76
CA SER A 190 -4.88 -5.86 8.07
C SER A 190 -4.94 -4.33 8.14
N SER A 191 -4.69 -3.67 7.01
CA SER A 191 -4.74 -2.21 6.93
C SER A 191 -6.19 -1.74 6.96
N TYR A 192 -7.08 -2.54 6.36
CA TYR A 192 -8.50 -2.21 6.37
C TYR A 192 -8.95 -2.22 7.84
N LYS A 193 -8.55 -3.26 8.56
CA LYS A 193 -8.91 -3.45 9.96
C LYS A 193 -8.38 -2.37 10.89
N GLN A 194 -7.12 -2.00 10.73
CA GLN A 194 -6.50 -1.00 11.59
C GLN A 194 -6.61 0.45 11.14
N TYR A 195 -6.75 0.70 9.84
CA TYR A 195 -6.76 2.07 9.36
C TYR A 195 -7.87 2.59 8.47
N ALA A 196 -8.65 1.70 7.85
CA ALA A 196 -9.72 2.17 6.97
C ALA A 196 -10.83 2.86 7.75
N VAL A 197 -11.37 3.92 7.16
CA VAL A 197 -12.47 4.66 7.78
C VAL A 197 -13.61 4.90 6.80
N ASP A 198 -14.80 5.04 7.34
CA ASP A 198 -15.98 5.31 6.54
C ASP A 198 -16.01 6.82 6.33
N PHE A 199 -15.17 7.31 5.43
CA PHE A 199 -15.09 8.75 5.17
C PHE A 199 -16.28 9.32 4.41
N SER A 200 -17.02 8.45 3.70
CA SER A 200 -18.20 8.89 2.95
C SER A 200 -19.40 9.08 3.88
N GLY A 201 -19.35 8.42 5.04
CA GLY A 201 -20.41 8.54 6.04
C GLY A 201 -21.67 7.74 5.85
N ASP A 202 -21.66 6.71 5.01
CA ASP A 202 -22.86 5.90 4.80
C ASP A 202 -22.95 4.71 5.76
N GLY A 203 -22.02 4.65 6.72
CA GLY A 203 -21.99 3.58 7.68
C GLY A 203 -21.20 2.34 7.27
N HIS A 204 -20.68 2.33 6.05
CA HIS A 204 -19.92 1.19 5.55
C HIS A 204 -18.53 1.56 5.06
N ILE A 205 -17.55 0.72 5.37
CA ILE A 205 -16.18 0.97 4.92
C ILE A 205 -15.99 0.16 3.64
N ASN A 206 -15.93 0.88 2.52
CA ASN A 206 -15.76 0.26 1.21
C ASN A 206 -14.45 0.77 0.61
N LEU A 207 -13.49 -0.14 0.45
CA LEU A 207 -12.18 0.21 -0.10
C LEU A 207 -12.26 0.60 -1.57
N TRP A 208 -13.39 0.28 -2.21
CA TRP A 208 -13.62 0.61 -3.62
C TRP A 208 -14.40 1.90 -3.82
N ASP A 209 -14.68 2.60 -2.73
CA ASP A 209 -15.38 3.89 -2.77
C ASP A 209 -14.22 4.88 -2.66
N PRO A 210 -14.00 5.71 -3.69
CA PRO A 210 -12.89 6.70 -3.66
C PRO A 210 -12.90 7.63 -2.45
N VAL A 211 -14.08 7.99 -1.95
CA VAL A 211 -14.18 8.86 -0.79
C VAL A 211 -13.64 8.17 0.45
N ASP A 212 -14.04 6.91 0.66
CA ASP A 212 -13.56 6.12 1.80
C ASP A 212 -12.04 5.90 1.69
N ALA A 213 -11.59 5.62 0.47
CA ALA A 213 -10.17 5.37 0.20
C ALA A 213 -9.33 6.59 0.53
N ILE A 214 -9.82 7.77 0.14
CA ILE A 214 -9.13 9.02 0.42
C ILE A 214 -8.96 9.19 1.94
N GLY A 215 -10.05 9.02 2.69
CA GLY A 215 -9.96 9.16 4.13
C GLY A 215 -9.11 8.09 4.80
N SER A 216 -9.17 6.87 4.26
CA SER A 216 -8.40 5.75 4.80
C SER A 216 -6.90 5.94 4.61
N VAL A 217 -6.50 6.48 3.45
CA VAL A 217 -5.08 6.73 3.16
C VAL A 217 -4.59 7.83 4.10
N ALA A 218 -5.41 8.85 4.30
CA ALA A 218 -5.06 9.95 5.19
C ALA A 218 -4.88 9.46 6.63
N ASN A 219 -5.81 8.62 7.08
CA ASN A 219 -5.75 8.08 8.44
C ASN A 219 -4.52 7.19 8.60
N TYR A 220 -4.21 6.43 7.56
CA TYR A 220 -3.05 5.54 7.55
C TYR A 220 -1.79 6.40 7.74
N PHE A 221 -1.72 7.51 7.02
CA PHE A 221 -0.58 8.42 7.09
C PHE A 221 -0.44 9.06 8.47
N LYS A 222 -1.53 9.57 9.02
CA LYS A 222 -1.49 10.19 10.34
C LYS A 222 -1.07 9.17 11.40
N ALA A 223 -1.61 7.95 11.29
CA ALA A 223 -1.27 6.88 12.23
C ALA A 223 0.20 6.53 12.16
N HIS A 224 0.79 6.68 10.99
CA HIS A 224 2.21 6.39 10.81
C HIS A 224 3.12 7.58 11.03
N GLY A 225 2.60 8.63 11.65
CA GLY A 225 3.41 9.79 11.99
C GLY A 225 3.49 11.00 11.08
N TRP A 226 2.65 11.09 10.06
CA TRP A 226 2.71 12.25 9.17
C TRP A 226 2.56 13.55 9.95
N VAL A 227 3.50 14.47 9.76
CA VAL A 227 3.48 15.76 10.45
C VAL A 227 2.95 16.82 9.49
N LYS A 228 1.78 17.38 9.82
CA LYS A 228 1.14 18.40 9.00
C LYS A 228 2.06 19.59 8.71
N GLY A 229 2.18 19.93 7.44
CA GLY A 229 3.01 21.07 7.03
C GLY A 229 4.51 20.88 7.03
N ASP A 230 5.00 19.75 7.53
CA ASP A 230 6.42 19.46 7.59
C ASP A 230 6.95 19.09 6.19
N GLN A 231 8.22 19.38 5.92
CA GLN A 231 8.82 19.06 4.63
C GLN A 231 9.00 17.55 4.48
N VAL A 232 8.89 17.07 3.24
CA VAL A 232 9.06 15.64 2.95
C VAL A 232 10.55 15.32 2.78
N ALA A 233 11.20 16.01 1.84
CA ALA A 233 12.62 15.84 1.56
C ALA A 233 13.14 17.13 0.91
N VAL A 234 14.44 17.38 1.05
CA VAL A 234 15.06 18.58 0.48
C VAL A 234 16.26 18.15 -0.34
N MET A 235 16.32 18.57 -1.59
CA MET A 235 17.43 18.19 -2.45
C MET A 235 18.70 18.87 -1.96
N ALA A 236 19.81 18.15 -2.05
CA ALA A 236 21.09 18.67 -1.61
C ALA A 236 21.97 19.11 -2.76
N ASN A 237 22.85 20.05 -2.46
CA ASN A 237 23.85 20.52 -3.39
C ASN A 237 25.07 19.71 -2.93
N GLY A 238 25.87 19.24 -3.87
CA GLY A 238 27.04 18.47 -3.48
C GLY A 238 26.86 16.97 -3.60
N GLN A 239 27.93 16.24 -3.32
CA GLN A 239 27.93 14.78 -3.40
C GLN A 239 28.44 14.17 -2.09
N ALA A 240 27.96 12.97 -1.79
CA ALA A 240 28.38 12.26 -0.57
C ALA A 240 28.59 10.79 -0.93
N PRO A 241 29.56 10.51 -1.82
CA PRO A 241 29.87 9.15 -2.27
C PRO A 241 30.34 8.18 -1.18
N GLY A 242 30.94 8.69 -0.12
CA GLY A 242 31.43 7.83 0.94
C GLY A 242 30.36 7.19 1.82
N LEU A 243 29.29 7.94 2.09
CA LEU A 243 28.20 7.48 2.95
C LEU A 243 27.15 6.57 2.33
N PRO A 244 26.76 5.50 3.04
CA PRO A 244 25.74 4.56 2.57
C PRO A 244 24.44 5.35 2.45
N ASN A 245 23.59 5.01 1.48
CA ASN A 245 22.33 5.73 1.29
C ASN A 245 21.11 4.82 1.27
N GLY A 246 19.93 5.44 1.35
CA GLY A 246 18.69 4.70 1.36
C GLY A 246 17.74 5.30 2.39
N PHE A 247 16.44 5.04 2.26
CA PHE A 247 15.47 5.61 3.20
C PHE A 247 15.65 5.14 4.65
N LYS A 248 16.38 4.05 4.86
CA LYS A 248 16.64 3.52 6.19
C LYS A 248 17.88 4.11 6.86
N THR A 249 18.65 4.90 6.12
CA THR A 249 19.85 5.51 6.69
C THR A 249 19.50 6.68 7.59
N LYS A 250 20.43 7.03 8.47
CA LYS A 250 20.23 8.12 9.40
C LYS A 250 21.56 8.81 9.71
N TYR A 251 21.60 10.12 9.51
CA TYR A 251 22.80 10.92 9.74
C TYR A 251 22.37 12.25 10.31
N SER A 252 23.22 12.86 11.14
CA SER A 252 22.92 14.17 11.69
C SER A 252 23.23 15.15 10.55
N ILE A 253 22.60 16.33 10.58
CA ILE A 253 22.83 17.32 9.55
C ILE A 253 24.31 17.71 9.51
N SER A 254 24.97 17.64 10.67
CA SER A 254 26.39 17.98 10.77
C SER A 254 27.25 17.00 10.00
N GLN A 255 26.91 15.71 10.10
CA GLN A 255 27.65 14.67 9.39
C GLN A 255 27.53 14.86 7.88
N LEU A 256 26.30 15.13 7.43
CA LEU A 256 26.02 15.34 6.01
C LEU A 256 26.77 16.56 5.47
N ALA A 257 26.83 17.63 6.27
CA ALA A 257 27.54 18.84 5.88
C ALA A 257 29.04 18.52 5.76
N ALA A 258 29.56 17.74 6.70
CA ALA A 258 30.96 17.36 6.70
C ALA A 258 31.26 16.47 5.49
N ALA A 259 30.24 15.80 4.97
CA ALA A 259 30.40 14.92 3.80
C ALA A 259 30.34 15.71 2.49
N GLY A 260 30.11 17.01 2.58
CA GLY A 260 30.07 17.85 1.40
C GLY A 260 28.70 18.27 0.88
N LEU A 261 27.67 18.13 1.71
CA LEU A 261 26.31 18.49 1.31
C LEU A 261 25.79 19.75 1.98
N THR A 262 24.90 20.44 1.29
CA THR A 262 24.24 21.64 1.82
C THR A 262 22.80 21.55 1.31
N PRO A 263 21.83 21.91 2.15
CA PRO A 263 20.43 21.84 1.72
C PRO A 263 20.03 22.99 0.79
N GLN A 264 19.27 22.67 -0.25
CA GLN A 264 18.80 23.67 -1.19
C GLN A 264 17.71 24.54 -0.57
N GLN A 265 17.11 24.03 0.50
CA GLN A 265 16.04 24.72 1.23
C GLN A 265 16.36 24.59 2.72
N PRO A 266 15.92 25.58 3.54
CA PRO A 266 16.18 25.53 4.98
C PRO A 266 15.57 24.28 5.61
N LEU A 267 16.36 23.58 6.44
CA LEU A 267 15.89 22.37 7.09
C LEU A 267 15.11 22.64 8.38
N GLY A 268 15.09 23.90 8.80
CA GLY A 268 14.36 24.27 10.01
C GLY A 268 14.97 23.70 11.26
N ASN A 269 14.17 22.99 12.03
CA ASN A 269 14.62 22.38 13.30
C ASN A 269 15.17 20.96 13.17
N HIS A 270 15.09 20.39 11.97
CA HIS A 270 15.59 19.03 11.74
C HIS A 270 17.09 18.94 12.00
N GLN A 271 17.49 17.99 12.84
CA GLN A 271 18.89 17.78 13.19
C GLN A 271 19.48 16.52 12.58
N GLN A 272 18.63 15.71 11.97
CA GLN A 272 19.06 14.48 11.31
C GLN A 272 18.20 14.26 10.08
N ALA A 273 18.64 13.33 9.24
CA ALA A 273 17.93 13.01 8.00
C ALA A 273 18.53 11.75 7.40
N SER A 274 17.78 11.13 6.50
CA SER A 274 18.26 9.95 5.80
C SER A 274 18.97 10.47 4.55
N LEU A 275 19.92 9.71 4.03
CA LEU A 275 20.62 10.12 2.82
C LEU A 275 19.99 9.39 1.65
N LEU A 276 19.31 10.12 0.79
CA LEU A 276 18.68 9.52 -0.37
C LEU A 276 19.53 9.86 -1.59
N ARG A 277 19.66 8.91 -2.50
CA ARG A 277 20.43 9.11 -3.71
C ARG A 277 19.64 8.61 -4.92
N LEU A 278 19.36 9.51 -5.85
CA LEU A 278 18.62 9.18 -7.05
C LEU A 278 19.55 9.14 -8.27
N ASP A 279 19.45 8.06 -9.04
CA ASP A 279 20.27 7.89 -10.23
C ASP A 279 19.61 8.62 -11.40
N VAL A 280 20.13 9.81 -11.70
CA VAL A 280 19.58 10.62 -12.79
C VAL A 280 20.32 10.49 -14.14
N GLY A 281 20.95 9.35 -14.37
CA GLY A 281 21.66 9.12 -15.64
C GLY A 281 23.02 9.77 -15.77
N THR A 282 23.07 11.09 -15.72
CA THR A 282 24.32 11.85 -15.82
C THR A 282 25.14 11.79 -14.54
N GLY A 283 24.50 11.31 -13.47
CA GLY A 283 25.16 11.20 -12.18
C GLY A 283 24.15 10.92 -11.07
N TYR A 284 24.46 11.39 -9.87
CA TYR A 284 23.59 11.17 -8.72
C TYR A 284 23.06 12.47 -8.13
N GLN A 285 21.85 12.38 -7.61
CA GLN A 285 21.16 13.51 -7.01
C GLN A 285 20.88 13.12 -5.56
N TYR A 286 21.53 13.80 -4.62
CA TYR A 286 21.36 13.52 -3.21
C TYR A 286 20.26 14.36 -2.57
N TRP A 287 19.57 13.77 -1.60
CA TRP A 287 18.50 14.45 -0.88
C TRP A 287 18.58 14.17 0.61
N TYR A 288 18.07 15.11 1.40
CA TYR A 288 17.98 14.99 2.84
C TYR A 288 16.57 14.43 3.04
N GLY A 289 16.46 13.17 3.46
CA GLY A 289 15.15 12.57 3.68
C GLY A 289 14.67 12.95 5.07
N LEU A 290 13.51 13.60 5.13
CA LEU A 290 12.95 14.03 6.42
C LEU A 290 11.92 13.02 6.90
N PRO A 291 11.46 13.11 8.16
CA PRO A 291 10.46 12.16 8.69
C PRO A 291 9.27 11.84 7.79
N ASN A 292 8.66 12.85 7.18
CA ASN A 292 7.51 12.63 6.30
C ASN A 292 7.81 11.75 5.09
N PHE A 293 9.07 11.76 4.62
CA PHE A 293 9.44 10.91 3.50
C PHE A 293 9.39 9.46 3.98
N TYR A 294 9.91 9.23 5.18
CA TYR A 294 9.90 7.89 5.77
C TYR A 294 8.47 7.41 5.98
N THR A 295 7.56 8.33 6.32
CA THR A 295 6.16 7.98 6.53
C THR A 295 5.58 7.46 5.21
N ILE A 296 5.97 8.06 4.09
CA ILE A 296 5.49 7.60 2.78
C ILE A 296 5.97 6.16 2.57
N THR A 297 7.23 5.86 2.94
CA THR A 297 7.75 4.50 2.77
C THR A 297 7.04 3.48 3.66
N ARG A 298 6.26 3.94 4.62
CA ARG A 298 5.51 3.03 5.49
C ARG A 298 4.37 2.40 4.69
N TYR A 299 4.03 3.01 3.55
CA TYR A 299 2.99 2.49 2.67
C TYR A 299 3.59 1.42 1.75
N ASN A 300 4.82 1.66 1.30
CA ASN A 300 5.55 0.73 0.45
C ASN A 300 7.03 1.05 0.69
N HIS A 301 7.75 0.07 1.24
CA HIS A 301 9.17 0.22 1.59
C HIS A 301 10.13 0.41 0.43
N SER A 302 10.09 1.59 -0.18
CA SER A 302 10.93 1.89 -1.32
C SER A 302 11.17 3.39 -1.49
N THR A 303 12.42 3.75 -1.71
CA THR A 303 12.81 5.15 -1.92
C THR A 303 12.18 5.65 -3.21
N HIS A 304 12.26 4.83 -4.26
CA HIS A 304 11.68 5.17 -5.55
C HIS A 304 10.17 5.34 -5.48
N TYR A 305 9.52 4.44 -4.75
CA TYR A 305 8.08 4.51 -4.58
C TYR A 305 7.68 5.83 -3.93
N ALA A 306 8.28 6.12 -2.77
CA ALA A 306 7.98 7.33 -2.02
C ALA A 306 8.26 8.59 -2.82
N MET A 307 9.37 8.61 -3.54
CA MET A 307 9.74 9.77 -4.36
C MET A 307 8.77 9.93 -5.54
N ALA A 308 8.32 8.82 -6.11
CA ALA A 308 7.38 8.87 -7.23
C ALA A 308 6.00 9.35 -6.77
N VAL A 309 5.58 8.91 -5.58
CA VAL A 309 4.30 9.31 -5.00
C VAL A 309 4.31 10.82 -4.75
N TRP A 310 5.39 11.29 -4.14
CA TRP A 310 5.54 12.71 -3.81
C TRP A 310 5.61 13.59 -5.06
N GLN A 311 6.49 13.25 -6.00
CA GLN A 311 6.64 14.03 -7.22
C GLN A 311 5.41 13.96 -8.13
N LEU A 312 4.70 12.83 -8.14
CA LEU A 312 3.48 12.71 -8.96
C LEU A 312 2.46 13.67 -8.36
N GLY A 313 2.36 13.68 -7.04
CA GLY A 313 1.42 14.57 -6.37
C GLY A 313 1.74 16.02 -6.65
N GLN A 314 3.02 16.38 -6.66
CA GLN A 314 3.46 17.74 -6.95
C GLN A 314 3.15 18.13 -8.39
N ALA A 315 3.35 17.20 -9.32
CA ALA A 315 3.09 17.43 -10.73
C ALA A 315 1.60 17.71 -10.96
N VAL A 316 0.74 16.95 -10.27
CA VAL A 316 -0.70 17.14 -10.39
C VAL A 316 -1.11 18.49 -9.79
N ALA A 317 -0.53 18.82 -8.64
CA ALA A 317 -0.82 20.08 -7.96
C ALA A 317 -0.52 21.26 -8.87
N LEU A 318 0.56 21.15 -9.65
CA LEU A 318 0.97 22.20 -10.57
C LEU A 318 0.08 22.25 -11.81
N ALA A 319 -0.28 21.09 -12.35
CA ALA A 319 -1.14 21.02 -13.53
C ALA A 319 -2.54 21.57 -13.23
N ARG A 320 -2.93 21.55 -11.96
CA ARG A 320 -4.22 22.06 -11.52
C ARG A 320 -4.25 23.59 -11.52
N VAL A 321 -3.10 24.18 -11.20
CA VAL A 321 -2.93 25.63 -11.14
C VAL A 321 -3.08 26.29 -12.50
N GLN A 322 -2.73 25.56 -13.57
CA GLN A 322 -2.80 26.06 -14.93
C GLN A 322 -4.26 26.16 -15.42
#